data_6O9U
#
_entry.id   6O9U
#
_cell.length_a   105.955
_cell.length_b   105.955
_cell.length_c   89.639
_cell.angle_alpha   90.000
_cell.angle_beta   90.000
_cell.angle_gamma   90.000
#
_symmetry.space_group_name_H-M   'P 4 21 2'
#
loop_
_entity.id
_entity.type
_entity.pdbx_description
1 polymer 'Inward rectifier potassium channel Kirbac3.1'
2 non-polymer 'trimethylamine oxide'
3 non-polymer 'POTASSIUM ION'
4 non-polymer 'BARIUM ION'
5 non-polymer 'CHLORIDE ION'
6 non-polymer 1,2-DIOLEOYL-SN-GLYCERO-3-PHOSPHOCHOLINE
7 non-polymer "3,3',3''-phosphoryltripropanoic acid"
8 water water
#
_entity_poly.entity_id   1
_entity_poly.type   'polypeptide(L)'
_entity_poly.pdbx_seq_one_letter_code
;MTGGMKPPARKPRILNSDGSSNITRLGLEKRGWLDDHYHDLLTVSWPVFITLITGLYLVTNALFALAYLACGDVIENARP
GSFTDAFFFSVQTMATIGYGKLIPIGPLANTLVTLEALCGMLGLAVAASLIYARFTRPTAGVLFSSRMVISDFEGKPTLM
MRLANLRIEQIIEADVHLVLVRSEISQEGMVFRRFHDLTLTRSRSPIFSLSWTVMHPIDHHSPIYGETDETLRNSHSEFL
VLFTGHHEAFAQNVHARHAYSCDEIIWGGHFVDVFTTLPDGRRALDLGKFHEIAQHHHHHH
;
_entity_poly.pdbx_strand_id   A
#
loop_
_chem_comp.id
_chem_comp.type
_chem_comp.name
_chem_comp.formula
BA non-polymer 'BARIUM ION' 'Ba 2'
CL non-polymer 'CHLORIDE ION' 'Cl -1'
K non-polymer 'POTASSIUM ION' 'K 1'
PCW non-polymer 1,2-DIOLEOYL-SN-GLYCERO-3-PHOSPHOCHOLINE 'C44 H85 N O8 P 1'
TMO non-polymer 'trimethylamine oxide' 'C3 H9 N O'
Z3P non-polymer '3,3',3''-phosphoryltripropanoic acid' 'C9 H15 O7 P'
#
# COMPACT_ATOMS: atom_id res chain seq x y z
N PRO A 12 0.30 1.16 -26.23
CA PRO A 12 -0.25 1.66 -24.97
C PRO A 12 -0.51 0.52 -23.97
N ARG A 13 0.24 0.51 -22.88
CA ARG A 13 0.09 -0.56 -21.90
C ARG A 13 -1.10 -0.29 -21.00
N ILE A 14 -1.79 -1.37 -20.62
CA ILE A 14 -2.90 -1.24 -19.68
C ILE A 14 -2.38 -1.19 -18.25
N LEU A 15 -1.59 -2.19 -17.86
CA LEU A 15 -0.92 -2.17 -16.57
C LEU A 15 0.38 -1.39 -16.66
N ASN A 16 0.57 -0.44 -15.76
CA ASN A 16 1.84 0.26 -15.64
C ASN A 16 2.84 -0.60 -14.89
N SER A 17 4.11 -0.17 -14.91
CA SER A 17 5.17 -0.95 -14.27
C SER A 17 4.89 -1.19 -12.79
N ASP A 18 4.24 -0.24 -12.12
CA ASP A 18 3.97 -0.38 -10.69
C ASP A 18 2.74 -1.22 -10.39
N GLY A 19 2.11 -1.80 -11.41
CA GLY A 19 0.97 -2.66 -11.21
C GLY A 19 -0.37 -1.96 -11.26
N SER A 20 -0.40 -0.64 -11.40
CA SER A 20 -1.65 0.08 -11.58
C SER A 20 -2.07 0.03 -13.05
N SER A 21 -3.37 0.25 -13.27
CA SER A 21 -3.95 0.16 -14.61
C SER A 21 -4.28 1.54 -15.14
N ASN A 22 -4.18 1.68 -16.46
CA ASN A 22 -4.52 2.91 -17.16
C ASN A 22 -5.97 2.94 -17.63
N ILE A 23 -6.81 2.03 -17.13
CA ILE A 23 -8.20 1.96 -17.59
C ILE A 23 -8.95 3.17 -17.05
N THR A 24 -9.65 3.87 -17.94
CA THR A 24 -10.43 5.05 -17.56
C THR A 24 -11.73 4.59 -16.91
N ARG A 25 -11.97 5.04 -15.68
CA ARG A 25 -13.17 4.68 -14.95
C ARG A 25 -14.22 5.75 -15.18
N LEU A 26 -15.17 5.46 -16.09
CA LEU A 26 -16.22 6.43 -16.39
C LEU A 26 -17.12 6.65 -15.17
N GLY A 27 -17.67 5.57 -14.62
CA GLY A 27 -18.36 5.61 -13.35
C GLY A 27 -19.84 5.26 -13.49
N LEU A 28 -20.64 5.91 -12.63
CA LEU A 28 -22.09 5.68 -12.55
C LEU A 28 -22.37 4.55 -11.56
N TRP A 33 -20.15 13.12 -0.08
CA TRP A 33 -19.19 13.69 0.86
C TRP A 33 -18.88 12.71 1.98
N LEU A 34 -19.91 12.02 2.46
CA LEU A 34 -19.77 11.02 3.53
C LEU A 34 -20.25 9.65 3.08
N ASP A 35 -20.18 9.37 1.78
CA ASP A 35 -20.60 8.07 1.26
C ASP A 35 -19.64 6.97 1.63
N ASP A 36 -18.39 7.30 1.94
CA ASP A 36 -17.36 6.31 2.24
C ASP A 36 -16.38 6.90 3.24
N HIS A 37 -16.92 7.43 4.35
CA HIS A 37 -16.17 8.38 5.17
C HIS A 37 -14.98 7.71 5.87
N TYR A 38 -15.17 6.52 6.42
CA TYR A 38 -14.05 5.85 7.09
C TYR A 38 -12.92 5.61 6.10
N HIS A 39 -13.23 5.01 4.95
CA HIS A 39 -12.24 4.81 3.90
C HIS A 39 -11.54 6.11 3.54
N ASP A 40 -12.32 7.19 3.36
CA ASP A 40 -11.73 8.46 2.90
C ASP A 40 -10.84 9.07 3.97
N LEU A 41 -11.22 8.96 5.24
CA LEU A 41 -10.37 9.46 6.31
C LEU A 41 -9.01 8.77 6.32
N LEU A 42 -8.95 7.51 5.91
CA LEU A 42 -7.69 6.77 5.90
C LEU A 42 -6.88 6.98 4.63
N THR A 43 -7.49 7.48 3.55
CA THR A 43 -6.82 7.53 2.26
C THR A 43 -6.53 8.94 1.78
N VAL A 44 -7.14 9.97 2.36
CA VAL A 44 -6.73 11.33 2.04
C VAL A 44 -5.27 11.53 2.46
N SER A 45 -4.63 12.52 1.85
CA SER A 45 -3.27 12.85 2.22
C SER A 45 -3.20 13.29 3.67
N TRP A 46 -2.01 13.18 4.26
CA TRP A 46 -1.84 13.61 5.64
C TRP A 46 -2.17 15.10 5.82
N PRO A 47 -1.76 16.01 4.93
CA PRO A 47 -2.19 17.41 5.09
C PRO A 47 -3.71 17.56 5.13
N VAL A 48 -4.42 16.87 4.24
CA VAL A 48 -5.88 16.93 4.27
C VAL A 48 -6.42 16.33 5.56
N PHE A 49 -5.85 15.21 5.99
CA PHE A 49 -6.30 14.57 7.23
C PHE A 49 -6.15 15.51 8.42
N ILE A 50 -4.97 16.11 8.57
CA ILE A 50 -4.72 17.00 9.70
C ILE A 50 -5.60 18.24 9.60
N THR A 51 -5.85 18.73 8.39
CA THR A 51 -6.76 19.86 8.21
C THR A 51 -8.17 19.50 8.67
N LEU A 52 -8.61 18.28 8.35
CA LEU A 52 -9.96 17.87 8.75
C LEU A 52 -10.06 17.71 10.26
N ILE A 53 -9.05 17.12 10.90
CA ILE A 53 -9.05 17.04 12.36
C ILE A 53 -9.06 18.44 12.96
N THR A 54 -8.18 19.31 12.47
CA THR A 54 -8.14 20.67 12.99
C THR A 54 -9.47 21.38 12.79
N GLY A 55 -10.06 21.25 11.59
CA GLY A 55 -11.34 21.88 11.33
C GLY A 55 -12.41 21.43 12.32
N LEU A 56 -12.56 20.12 12.49
CA LEU A 56 -13.51 19.60 13.45
C LEU A 56 -13.22 20.11 14.85
N TYR A 57 -11.93 20.18 15.21
CA TYR A 57 -11.53 20.61 16.54
C TYR A 57 -11.91 22.07 16.77
N LEU A 58 -11.74 22.93 15.76
CA LEU A 58 -12.10 24.33 15.91
C LEU A 58 -13.61 24.51 15.88
N VAL A 59 -14.31 23.74 15.05
CA VAL A 59 -15.76 23.87 14.94
C VAL A 59 -16.45 23.49 16.25
N THR A 60 -16.00 22.42 16.89
CA THR A 60 -16.66 21.97 18.10
C THR A 60 -16.37 22.88 19.28
N ASN A 61 -15.19 23.52 19.29
CA ASN A 61 -14.91 24.50 20.32
C ASN A 61 -15.78 25.74 20.16
N ALA A 62 -15.97 26.19 18.92
CA ALA A 62 -16.88 27.32 18.68
C ALA A 62 -18.29 27.00 19.14
N LEU A 63 -18.77 25.78 18.87
CA LEU A 63 -20.11 25.40 19.30
C LEU A 63 -20.23 25.39 20.82
N PHE A 64 -19.21 24.88 21.50
CA PHE A 64 -19.22 24.93 22.97
C PHE A 64 -19.13 26.36 23.47
N ALA A 65 -18.35 27.20 22.79
CA ALA A 65 -18.28 28.62 23.15
C ALA A 65 -19.67 29.25 23.11
N LEU A 66 -20.40 29.02 22.02
CA LEU A 66 -21.76 29.53 21.93
C LEU A 66 -22.65 28.95 23.04
N ALA A 67 -22.41 27.69 23.39
CA ALA A 67 -23.19 27.06 24.46
C ALA A 67 -23.02 27.82 25.77
N TYR A 68 -21.79 28.18 26.11
CA TYR A 68 -21.54 28.89 27.36
C TYR A 68 -22.18 30.27 27.33
N LEU A 69 -22.01 31.00 26.22
CA LEU A 69 -22.64 32.31 26.10
C LEU A 69 -24.15 32.21 26.24
N ALA A 70 -24.75 31.17 25.66
CA ALA A 70 -26.19 30.99 25.77
C ALA A 70 -26.64 30.79 27.22
N CYS A 71 -25.72 30.46 28.12
CA CYS A 71 -26.05 30.34 29.53
C CYS A 71 -25.93 31.67 30.28
N GLY A 72 -25.26 32.66 29.69
CA GLY A 72 -25.02 33.94 30.34
C GLY A 72 -23.54 34.17 30.57
N ASP A 73 -23.24 34.97 31.58
CA ASP A 73 -21.86 35.26 31.96
C ASP A 73 -21.44 34.22 33.01
N VAL A 74 -21.16 33.01 32.53
CA VAL A 74 -20.89 31.88 33.41
C VAL A 74 -19.41 31.49 33.38
N ILE A 75 -18.55 32.36 32.86
CA ILE A 75 -17.11 32.12 32.80
C ILE A 75 -16.42 33.24 33.57
N GLU A 76 -15.85 32.91 34.72
CA GLU A 76 -15.16 33.90 35.53
C GLU A 76 -13.95 34.45 34.76
N ASN A 77 -13.70 35.74 34.93
CA ASN A 77 -12.61 36.46 34.29
C ASN A 77 -12.76 36.57 32.78
N ALA A 78 -13.90 36.16 32.23
CA ALA A 78 -14.20 36.33 30.82
C ALA A 78 -15.00 37.60 30.61
N ARG A 79 -14.66 38.33 29.55
CA ARG A 79 -15.42 39.53 29.22
C ARG A 79 -16.86 39.15 28.86
N PRO A 80 -17.86 39.87 29.36
CA PRO A 80 -19.25 39.48 29.09
C PRO A 80 -19.56 39.55 27.60
N GLY A 81 -20.18 38.48 27.10
CA GLY A 81 -20.56 38.38 25.71
C GLY A 81 -19.43 38.12 24.74
N SER A 82 -18.21 37.90 25.22
CA SER A 82 -17.06 37.71 24.35
C SER A 82 -17.03 36.27 23.83
N PHE A 83 -17.18 36.10 22.52
CA PHE A 83 -16.99 34.79 21.91
C PHE A 83 -15.54 34.33 22.05
N THR A 84 -14.59 35.28 21.94
CA THR A 84 -13.17 34.94 22.03
C THR A 84 -12.86 34.28 23.37
N ASP A 85 -13.27 34.92 24.48
CA ASP A 85 -12.97 34.37 25.79
C ASP A 85 -13.66 33.03 26.00
N ALA A 86 -14.90 32.90 25.52
CA ALA A 86 -15.61 31.63 25.64
C ALA A 86 -14.95 30.55 24.78
N PHE A 87 -14.41 30.93 23.62
CA PHE A 87 -13.76 29.97 22.74
C PHE A 87 -12.50 29.41 23.38
N PHE A 88 -11.66 30.28 23.94
CA PHE A 88 -10.42 29.81 24.53
C PHE A 88 -10.66 29.08 25.84
N PHE A 89 -11.70 29.44 26.59
CA PHE A 89 -12.09 28.65 27.75
C PHE A 89 -12.54 27.26 27.31
N SER A 90 -13.27 27.18 26.20
CA SER A 90 -13.66 25.88 25.65
C SER A 90 -12.43 25.05 25.29
N VAL A 91 -11.45 25.66 24.64
CA VAL A 91 -10.21 24.98 24.31
C VAL A 91 -9.56 24.45 25.58
N GLN A 92 -9.38 25.31 26.58
CA GLN A 92 -8.73 24.92 27.82
C GLN A 92 -9.50 23.83 28.55
N THR A 93 -10.81 23.72 28.29
CA THR A 93 -11.62 22.68 28.92
C THR A 93 -11.57 21.37 28.11
N MET A 94 -11.78 21.45 26.80
CA MET A 94 -11.77 20.25 25.97
C MET A 94 -10.39 19.61 25.96
N ALA A 95 -9.33 20.41 25.82
CA ALA A 95 -7.97 19.90 25.91
C ALA A 95 -7.56 19.59 27.34
N THR A 96 -8.37 19.95 28.32
CA THR A 96 -8.10 19.66 29.74
C THR A 96 -6.85 20.39 30.23
N ILE A 97 -6.54 21.55 29.66
CA ILE A 97 -5.42 22.34 30.17
C ILE A 97 -5.78 22.94 31.53
N GLY A 98 -6.93 23.59 31.62
CA GLY A 98 -7.42 24.15 32.86
C GLY A 98 -6.44 25.07 33.56
N TYR A 99 -5.98 26.12 32.88
CA TYR A 99 -5.06 27.07 33.49
C TYR A 99 -5.57 27.54 34.84
N GLY A 100 -6.87 27.86 34.94
CA GLY A 100 -7.47 28.27 36.19
C GLY A 100 -7.88 29.73 36.25
N LYS A 101 -7.60 30.52 35.21
CA LYS A 101 -8.10 31.90 35.18
C LYS A 101 -9.55 31.94 34.69
N LEU A 102 -9.81 31.32 33.55
CA LEU A 102 -11.18 31.13 33.05
C LEU A 102 -11.74 29.85 33.67
N ILE A 103 -12.75 29.99 34.51
CA ILE A 103 -13.35 28.84 35.18
C ILE A 103 -14.86 28.96 35.08
N PRO A 104 -15.58 27.83 35.15
CA PRO A 104 -17.04 27.87 35.02
C PRO A 104 -17.73 28.32 36.29
N ILE A 105 -18.89 28.95 36.12
CA ILE A 105 -19.69 29.45 37.23
C ILE A 105 -21.09 28.87 37.09
N GLY A 106 -21.53 28.13 38.10
CA GLY A 106 -22.90 27.68 38.19
C GLY A 106 -23.11 26.28 37.65
N PRO A 107 -24.31 25.73 37.87
CA PRO A 107 -24.58 24.35 37.41
C PRO A 107 -24.49 24.18 35.91
N LEU A 108 -25.07 25.09 35.13
CA LEU A 108 -25.10 24.91 33.68
C LEU A 108 -23.69 24.88 33.10
N ALA A 109 -22.88 25.88 33.41
CA ALA A 109 -21.51 25.91 32.91
C ALA A 109 -20.76 24.65 33.33
N ASN A 110 -20.92 24.23 34.58
CA ASN A 110 -20.21 23.06 35.05
C ASN A 110 -20.72 21.78 34.41
N THR A 111 -22.00 21.75 34.02
CA THR A 111 -22.52 20.60 33.26
C THR A 111 -21.92 20.56 31.86
N LEU A 112 -21.85 21.71 31.18
CA LEU A 112 -21.22 21.76 29.88
C LEU A 112 -19.76 21.32 29.96
N VAL A 113 -19.05 21.76 31.00
CA VAL A 113 -17.67 21.32 31.19
C VAL A 113 -17.59 19.80 31.28
N THR A 114 -18.51 19.20 32.05
CA THR A 114 -18.52 17.75 32.18
C THR A 114 -18.75 17.08 30.82
N LEU A 115 -19.67 17.63 30.02
CA LEU A 115 -19.91 17.10 28.68
C LEU A 115 -18.71 17.35 27.78
N GLU A 116 -18.13 18.55 27.85
CA GLU A 116 -17.04 18.89 26.94
C GLU A 116 -15.80 18.05 27.22
N ALA A 117 -15.49 17.82 28.50
CA ALA A 117 -14.35 16.98 28.84
C ALA A 117 -14.53 15.58 28.25
N LEU A 118 -15.75 15.04 28.32
CA LEU A 118 -16.04 13.77 27.69
C LEU A 118 -15.84 13.84 26.18
N CYS A 119 -16.29 14.93 25.57
CA CYS A 119 -16.09 15.11 24.13
C CYS A 119 -14.62 15.20 23.78
N GLY A 120 -13.84 15.91 24.60
CA GLY A 120 -12.41 15.99 24.35
C GLY A 120 -11.74 14.63 24.43
N MET A 121 -12.14 13.80 25.40
CA MET A 121 -11.57 12.48 25.52
C MET A 121 -12.01 11.57 24.38
N LEU A 122 -13.29 11.65 23.99
CA LEU A 122 -13.78 10.85 22.88
C LEU A 122 -13.15 11.27 21.56
N GLY A 123 -12.98 12.57 21.35
CA GLY A 123 -12.31 13.03 20.13
C GLY A 123 -10.88 12.55 20.06
N LEU A 124 -10.19 12.51 21.20
CA LEU A 124 -8.84 11.96 21.23
C LEU A 124 -8.84 10.49 20.86
N ALA A 125 -9.79 9.72 21.40
CA ALA A 125 -9.89 8.30 21.06
C ALA A 125 -10.13 8.12 19.56
N VAL A 126 -11.00 8.94 18.99
CA VAL A 126 -11.32 8.83 17.57
C VAL A 126 -10.10 9.17 16.72
N ALA A 127 -9.46 10.30 17.02
CA ALA A 127 -8.29 10.71 16.25
C ALA A 127 -7.18 9.67 16.33
N ALA A 128 -6.93 9.15 17.54
CA ALA A 128 -5.88 8.14 17.70
C ALA A 128 -6.23 6.86 16.95
N SER A 129 -7.51 6.47 16.96
CA SER A 129 -7.92 5.28 16.21
C SER A 129 -7.64 5.44 14.73
N LEU A 130 -7.98 6.60 14.17
CA LEU A 130 -7.76 6.86 12.76
C LEU A 130 -6.27 6.93 12.44
N ILE A 131 -5.49 7.61 13.29
CA ILE A 131 -4.05 7.71 13.06
C ILE A 131 -3.41 6.32 13.08
N TYR A 132 -3.82 5.48 14.01
CA TYR A 132 -3.21 4.16 14.11
C TYR A 132 -3.63 3.28 12.93
N ALA A 133 -4.87 3.42 12.46
CA ALA A 133 -5.30 2.69 11.28
C ALA A 133 -4.57 3.15 10.03
N ARG A 134 -4.24 4.44 9.95
CA ARG A 134 -3.45 4.94 8.83
C ARG A 134 -2.01 4.44 8.92
N PHE A 135 -1.46 4.36 10.14
CA PHE A 135 -0.06 3.99 10.31
C PHE A 135 0.18 2.53 9.95
N THR A 136 -0.66 1.62 10.42
CA THR A 136 -0.37 0.19 10.35
C THR A 136 -0.76 -0.40 9.01
N ARG A 137 -0.20 0.19 7.96
CA ARG A 137 -0.37 -0.28 6.59
C ARG A 137 1.02 -0.31 5.95
N PRO A 138 1.89 -1.18 6.44
CA PRO A 138 3.29 -1.15 6.02
C PRO A 138 3.48 -1.60 4.58
N THR A 139 4.58 -1.12 3.99
CA THR A 139 5.00 -1.55 2.66
C THR A 139 5.88 -2.79 2.78
N ALA A 140 5.98 -3.53 1.66
CA ALA A 140 6.68 -4.81 1.67
C ALA A 140 8.19 -4.66 1.64
N GLY A 141 8.69 -3.55 1.12
CA GLY A 141 10.14 -3.37 0.99
C GLY A 141 10.79 -4.34 0.01
N VAL A 142 10.09 -4.66 -1.08
CA VAL A 142 10.57 -5.62 -2.06
C VAL A 142 10.87 -4.91 -3.36
N LEU A 143 11.93 -5.34 -4.02
CA LEU A 143 12.36 -4.81 -5.31
C LEU A 143 12.11 -5.84 -6.40
N PHE A 144 11.54 -5.41 -7.51
CA PHE A 144 11.28 -6.28 -8.67
C PHE A 144 12.34 -6.03 -9.73
N SER A 145 12.75 -7.11 -10.41
CA SER A 145 13.64 -6.95 -11.54
C SER A 145 12.96 -6.12 -12.63
N SER A 146 13.75 -5.27 -13.29
CA SER A 146 13.19 -4.36 -14.28
C SER A 146 12.70 -5.09 -15.53
N ARG A 147 13.13 -6.33 -15.74
CA ARG A 147 12.74 -7.12 -16.89
C ARG A 147 12.42 -8.53 -16.45
N MET A 148 11.78 -9.27 -17.35
CA MET A 148 11.69 -10.72 -17.30
C MET A 148 12.62 -11.31 -18.35
N VAL A 149 12.83 -12.62 -18.27
CA VAL A 149 13.56 -13.36 -19.29
C VAL A 149 12.80 -14.63 -19.62
N ILE A 150 13.06 -15.15 -20.82
CA ILE A 150 12.65 -16.50 -21.20
C ILE A 150 13.89 -17.21 -21.70
N SER A 151 14.30 -18.27 -21.00
CA SER A 151 15.48 -19.03 -21.37
C SER A 151 15.34 -20.44 -20.82
N ASP A 152 16.17 -21.34 -21.32
CA ASP A 152 16.07 -22.75 -20.96
C ASP A 152 16.60 -22.98 -19.55
N PHE A 153 15.82 -23.71 -18.74
CA PHE A 153 16.24 -24.11 -17.41
C PHE A 153 15.65 -25.49 -17.12
N GLU A 154 16.52 -26.41 -16.70
CA GLU A 154 16.12 -27.79 -16.41
C GLU A 154 15.31 -28.37 -17.57
N GLY A 155 15.76 -28.09 -18.79
CA GLY A 155 15.22 -28.72 -19.99
C GLY A 155 14.00 -28.09 -20.58
N LYS A 156 13.57 -26.91 -20.11
CA LYS A 156 12.38 -26.27 -20.62
C LYS A 156 12.61 -24.77 -20.76
N PRO A 157 12.11 -24.15 -21.82
CA PRO A 157 12.06 -22.68 -21.83
C PRO A 157 11.22 -22.19 -20.67
N THR A 158 11.76 -21.24 -19.92
CA THR A 158 11.18 -20.84 -18.64
C THR A 158 11.12 -19.32 -18.55
N LEU A 159 9.93 -18.81 -18.24
CA LEU A 159 9.74 -17.39 -17.99
C LEU A 159 10.16 -17.08 -16.56
N MET A 160 10.98 -16.04 -16.39
CA MET A 160 11.51 -15.71 -15.09
C MET A 160 11.53 -14.21 -14.85
N MET A 161 11.34 -13.85 -13.58
CA MET A 161 11.72 -12.56 -13.04
C MET A 161 12.24 -12.82 -11.64
N ARG A 162 12.69 -11.79 -10.93
CA ARG A 162 13.18 -12.05 -9.58
C ARG A 162 12.89 -10.87 -8.65
N LEU A 163 12.98 -11.17 -7.36
CA LEU A 163 12.67 -10.25 -6.28
C LEU A 163 13.87 -10.13 -5.35
N ALA A 164 13.99 -8.97 -4.71
CA ALA A 164 15.02 -8.75 -3.70
C ALA A 164 14.40 -8.10 -2.48
N ASN A 165 14.87 -8.51 -1.31
CA ASN A 165 14.46 -7.90 -0.04
C ASN A 165 15.37 -6.72 0.25
N LEU A 166 14.77 -5.54 0.42
CA LEU A 166 15.54 -4.35 0.72
C LEU A 166 15.73 -4.09 2.21
N ARG A 167 15.16 -4.95 3.06
CA ARG A 167 15.28 -4.81 4.50
C ARG A 167 16.02 -6.02 5.06
N ILE A 168 16.45 -5.91 6.32
CA ILE A 168 17.20 -6.98 6.95
C ILE A 168 16.31 -8.03 7.60
N GLU A 169 15.07 -7.68 7.93
CA GLU A 169 14.13 -8.67 8.45
C GLU A 169 13.54 -9.50 7.31
N GLN A 170 13.10 -10.70 7.65
N GLN A 170 13.10 -10.70 7.65
CA GLN A 170 12.63 -11.67 6.67
CA GLN A 170 12.62 -11.66 6.66
C GLN A 170 11.11 -11.65 6.58
C GLN A 170 11.10 -11.60 6.55
N ILE A 171 10.59 -12.25 5.51
CA ILE A 171 9.16 -12.31 5.24
C ILE A 171 8.72 -13.76 5.25
N ILE A 172 7.70 -14.07 6.06
CA ILE A 172 7.32 -15.43 6.40
C ILE A 172 6.15 -15.88 5.54
N GLU A 173 6.18 -17.14 5.12
CA GLU A 173 5.15 -17.74 4.28
C GLU A 173 4.85 -16.83 3.08
N ALA A 174 5.91 -16.52 2.34
CA ALA A 174 5.81 -15.62 1.20
C ALA A 174 5.23 -16.35 -0.01
N ASP A 175 4.25 -15.72 -0.65
CA ASP A 175 3.62 -16.25 -1.85
C ASP A 175 3.90 -15.32 -3.01
N VAL A 176 4.04 -15.88 -4.21
CA VAL A 176 4.21 -15.09 -5.42
C VAL A 176 3.31 -15.63 -6.52
N HIS A 177 2.83 -14.73 -7.37
CA HIS A 177 2.02 -15.07 -8.52
C HIS A 177 2.61 -14.39 -9.75
N LEU A 178 2.75 -15.16 -10.83
CA LEU A 178 2.99 -14.61 -12.16
C LEU A 178 1.68 -14.75 -12.94
N VAL A 179 1.08 -13.63 -13.30
CA VAL A 179 -0.26 -13.60 -13.87
C VAL A 179 -0.17 -13.08 -15.31
N LEU A 180 -0.55 -13.92 -16.25
CA LEU A 180 -0.71 -13.50 -17.63
C LEU A 180 -2.09 -12.87 -17.81
N VAL A 181 -2.13 -11.70 -18.44
CA VAL A 181 -3.37 -11.04 -18.84
C VAL A 181 -3.31 -10.84 -20.34
N ARG A 182 -4.31 -11.35 -21.05
CA ARG A 182 -4.32 -11.21 -22.50
C ARG A 182 -5.76 -11.30 -23.01
N SER A 183 -5.93 -10.91 -24.27
CA SER A 183 -7.20 -11.00 -24.95
C SER A 183 -7.33 -12.35 -25.63
N GLU A 184 -8.51 -12.95 -25.55
CA GLU A 184 -8.74 -14.29 -26.07
C GLU A 184 -10.08 -14.33 -26.76
N ILE A 185 -10.35 -15.46 -27.43
CA ILE A 185 -11.58 -15.69 -28.17
C ILE A 185 -12.10 -17.07 -27.80
N SER A 186 -13.35 -17.13 -27.35
CA SER A 186 -13.95 -18.41 -27.02
C SER A 186 -14.48 -19.08 -28.29
N GLN A 187 -14.74 -20.39 -28.19
CA GLN A 187 -15.27 -21.11 -29.33
C GLN A 187 -16.62 -20.57 -29.78
N GLU A 188 -17.33 -19.85 -28.89
CA GLU A 188 -18.53 -19.13 -29.28
C GLU A 188 -18.23 -17.85 -30.05
N GLY A 189 -16.96 -17.48 -30.18
CA GLY A 189 -16.59 -16.25 -30.86
C GLY A 189 -16.57 -15.02 -29.99
N MET A 190 -16.81 -15.15 -28.69
CA MET A 190 -16.79 -14.00 -27.79
C MET A 190 -15.36 -13.59 -27.48
N VAL A 191 -15.09 -12.29 -27.56
CA VAL A 191 -13.77 -11.72 -27.30
C VAL A 191 -13.77 -11.16 -25.89
N PHE A 192 -12.66 -11.35 -25.18
CA PHE A 192 -12.57 -10.94 -23.78
C PHE A 192 -11.12 -10.99 -23.35
N ARG A 193 -10.83 -10.25 -22.28
CA ARG A 193 -9.56 -10.35 -21.59
C ARG A 193 -9.75 -11.14 -20.31
N ARG A 194 -8.83 -12.06 -20.03
CA ARG A 194 -8.85 -12.85 -18.81
C ARG A 194 -7.43 -12.98 -18.29
N PHE A 195 -7.31 -13.52 -17.07
CA PHE A 195 -6.00 -13.72 -16.47
C PHE A 195 -5.73 -15.20 -16.25
N HIS A 196 -4.45 -15.56 -16.30
CA HIS A 196 -3.97 -16.90 -16.01
C HIS A 196 -2.93 -16.78 -14.90
N ASP A 197 -3.19 -17.41 -13.76
CA ASP A 197 -2.20 -17.49 -12.69
C ASP A 197 -1.26 -18.64 -13.02
N LEU A 198 -0.05 -18.31 -13.47
CA LEU A 198 0.82 -19.29 -14.08
C LEU A 198 1.42 -20.25 -13.07
N THR A 199 1.58 -21.51 -13.47
CA THR A 199 2.20 -22.51 -12.62
C THR A 199 3.68 -22.20 -12.44
N LEU A 200 4.15 -22.20 -11.20
CA LEU A 200 5.51 -21.85 -10.86
C LEU A 200 6.24 -23.04 -10.29
N THR A 201 7.57 -23.05 -10.45
CA THR A 201 8.37 -24.09 -9.80
C THR A 201 8.30 -23.94 -8.29
N ARG A 202 8.33 -22.70 -7.81
CA ARG A 202 8.09 -22.39 -6.40
C ARG A 202 7.12 -21.22 -6.33
N SER A 203 5.93 -21.46 -5.77
CA SER A 203 4.99 -20.39 -5.51
C SER A 203 5.02 -19.93 -4.05
N ARG A 204 5.59 -20.72 -3.16
CA ARG A 204 5.64 -20.43 -1.74
C ARG A 204 7.08 -20.53 -1.26
N SER A 205 7.55 -19.48 -0.59
CA SER A 205 8.82 -19.52 0.11
C SER A 205 8.55 -19.40 1.60
N PRO A 206 8.78 -20.45 2.40
CA PRO A 206 8.50 -20.34 3.84
C PRO A 206 9.18 -19.16 4.50
N ILE A 207 10.41 -18.84 4.10
CA ILE A 207 11.11 -17.65 4.59
C ILE A 207 11.80 -16.98 3.41
N PHE A 208 11.24 -15.87 2.95
CA PHE A 208 11.90 -15.03 1.96
C PHE A 208 12.89 -14.13 2.69
N SER A 209 14.17 -14.23 2.32
N SER A 209 14.17 -14.23 2.32
CA SER A 209 15.25 -13.57 3.04
CA SER A 209 15.24 -13.56 3.04
C SER A 209 15.94 -12.49 2.21
C SER A 209 15.94 -12.49 2.21
N LEU A 210 16.53 -12.86 1.06
CA LEU A 210 17.37 -11.94 0.29
C LEU A 210 16.91 -11.77 -1.14
N SER A 211 16.85 -12.84 -1.92
CA SER A 211 16.48 -12.73 -3.32
C SER A 211 15.82 -14.04 -3.75
N TRP A 212 14.86 -13.92 -4.67
CA TRP A 212 14.03 -15.04 -5.09
C TRP A 212 13.76 -14.92 -6.59
N THR A 213 14.18 -15.92 -7.35
CA THR A 213 13.91 -15.96 -8.78
C THR A 213 12.64 -16.77 -9.00
N VAL A 214 11.64 -16.14 -9.61
CA VAL A 214 10.33 -16.73 -9.82
C VAL A 214 10.28 -17.27 -11.24
N MET A 215 9.84 -18.52 -11.39
CA MET A 215 10.00 -19.23 -12.65
C MET A 215 8.71 -19.94 -13.05
N HIS A 216 8.28 -19.70 -14.28
CA HIS A 216 7.19 -20.45 -14.90
C HIS A 216 7.75 -21.32 -16.02
N PRO A 217 7.92 -22.62 -15.81
CA PRO A 217 8.33 -23.48 -16.93
C PRO A 217 7.24 -23.51 -18.00
N ILE A 218 7.65 -23.30 -19.24
CA ILE A 218 6.70 -23.23 -20.36
C ILE A 218 6.64 -24.63 -20.96
N ASP A 219 5.79 -25.46 -20.37
CA ASP A 219 5.54 -26.80 -20.88
C ASP A 219 4.24 -26.79 -21.69
N HIS A 220 3.88 -27.96 -22.23
CA HIS A 220 2.76 -28.02 -23.17
C HIS A 220 1.41 -27.66 -22.54
N HIS A 221 1.35 -27.43 -21.22
N HIS A 221 1.36 -27.44 -21.23
CA HIS A 221 0.13 -26.96 -20.59
CA HIS A 221 0.16 -26.98 -20.56
C HIS A 221 0.27 -25.54 -20.05
C HIS A 221 0.17 -25.48 -20.26
N SER A 222 1.29 -24.80 -20.52
CA SER A 222 1.38 -23.39 -20.21
C SER A 222 0.51 -22.59 -21.18
N PRO A 223 -0.20 -21.57 -20.70
CA PRO A 223 -0.97 -20.72 -21.62
C PRO A 223 -0.11 -19.96 -22.62
N ILE A 224 1.22 -19.91 -22.43
CA ILE A 224 2.10 -19.28 -23.41
C ILE A 224 2.97 -20.30 -24.13
N TYR A 225 2.59 -21.58 -24.07
CA TYR A 225 3.30 -22.60 -24.83
C TYR A 225 3.21 -22.29 -26.33
N GLY A 226 4.36 -22.32 -27.00
CA GLY A 226 4.41 -22.02 -28.41
C GLY A 226 4.30 -20.55 -28.77
N GLU A 227 4.11 -19.67 -27.79
CA GLU A 227 3.97 -18.25 -28.09
C GLU A 227 5.31 -17.63 -28.45
N THR A 228 5.24 -16.57 -29.25
CA THR A 228 6.40 -15.77 -29.62
C THR A 228 6.17 -14.33 -29.19
N ASP A 229 7.20 -13.51 -29.35
CA ASP A 229 7.03 -12.08 -29.12
C ASP A 229 5.88 -11.53 -29.96
N GLU A 230 5.75 -12.00 -31.20
CA GLU A 230 4.70 -11.51 -32.08
C GLU A 230 3.33 -11.92 -31.57
N THR A 231 3.14 -13.20 -31.23
CA THR A 231 1.82 -13.66 -30.85
C THR A 231 1.41 -13.14 -29.47
N LEU A 232 2.38 -12.85 -28.60
CA LEU A 232 2.04 -12.22 -27.33
C LEU A 232 1.55 -10.79 -27.54
N ARG A 233 2.18 -10.06 -28.46
CA ARG A 233 1.71 -8.71 -28.77
C ARG A 233 0.35 -8.75 -29.44
N ASN A 234 0.11 -9.73 -30.29
CA ASN A 234 -1.17 -9.82 -30.98
C ASN A 234 -2.32 -9.97 -30.00
N SER A 235 -2.10 -10.71 -28.91
CA SER A 235 -3.09 -10.83 -27.86
C SER A 235 -2.93 -9.77 -26.78
N HIS A 236 -2.10 -8.76 -27.02
CA HIS A 236 -1.79 -7.70 -26.06
C HIS A 236 -1.55 -8.30 -24.68
N SER A 237 -0.59 -9.21 -24.62
CA SER A 237 -0.28 -9.91 -23.38
C SER A 237 0.51 -8.99 -22.44
N GLU A 238 0.13 -9.00 -21.17
CA GLU A 238 0.88 -8.35 -20.12
C GLU A 238 1.03 -9.32 -18.96
N PHE A 239 2.02 -9.06 -18.11
CA PHE A 239 2.34 -9.96 -17.00
C PHE A 239 2.34 -9.17 -15.71
N LEU A 240 1.51 -9.61 -14.77
CA LEU A 240 1.36 -8.98 -13.46
C LEU A 240 1.95 -9.90 -12.41
N VAL A 241 2.76 -9.33 -11.52
CA VAL A 241 3.40 -10.08 -10.45
C VAL A 241 2.86 -9.58 -9.11
N LEU A 242 2.42 -10.51 -8.27
CA LEU A 242 1.99 -10.20 -6.91
C LEU A 242 2.87 -10.96 -5.93
N PHE A 243 3.41 -10.24 -4.95
CA PHE A 243 4.14 -10.83 -3.84
C PHE A 243 3.41 -10.53 -2.55
N THR A 244 3.31 -11.53 -1.68
CA THR A 244 2.69 -11.35 -0.38
C THR A 244 3.45 -12.16 0.65
N GLY A 245 3.35 -11.73 1.90
CA GLY A 245 3.96 -12.48 3.00
C GLY A 245 3.78 -11.75 4.31
N HIS A 246 4.16 -12.44 5.38
CA HIS A 246 4.05 -11.93 6.74
C HIS A 246 5.40 -11.33 7.14
N HIS A 247 5.46 -10.02 7.25
CA HIS A 247 6.73 -9.33 7.45
C HIS A 247 7.09 -9.32 8.94
N GLU A 248 8.29 -9.83 9.26
CA GLU A 248 8.73 -9.90 10.65
C GLU A 248 8.77 -8.54 11.32
N ALA A 249 9.19 -7.52 10.59
CA ALA A 249 9.37 -6.20 11.20
C ALA A 249 8.06 -5.64 11.74
N PHE A 250 6.93 -6.04 11.16
CA PHE A 250 5.64 -5.48 11.52
C PHE A 250 4.68 -6.47 12.14
N ALA A 251 4.95 -7.78 12.06
CA ALA A 251 3.97 -8.80 12.43
C ALA A 251 2.67 -8.58 11.66
N GLN A 252 2.80 -8.17 10.41
CA GLN A 252 1.67 -7.90 9.54
C GLN A 252 1.94 -8.46 8.15
N ASN A 253 0.87 -8.83 7.46
CA ASN A 253 1.00 -9.19 6.06
C ASN A 253 1.30 -7.95 5.23
N VAL A 254 2.18 -8.11 4.24
CA VAL A 254 2.52 -7.07 3.30
C VAL A 254 2.34 -7.64 1.90
N HIS A 255 2.32 -6.73 0.93
CA HIS A 255 2.18 -7.14 -0.46
C HIS A 255 2.84 -6.10 -1.36
N ALA A 256 3.30 -6.56 -2.51
CA ALA A 256 3.88 -5.68 -3.52
C ALA A 256 3.48 -6.21 -4.89
N ARG A 257 3.44 -5.30 -5.87
CA ARG A 257 3.04 -5.66 -7.21
C ARG A 257 3.92 -4.95 -8.23
N HIS A 258 3.92 -5.52 -9.44
CA HIS A 258 4.71 -5.02 -10.56
C HIS A 258 4.11 -5.62 -11.82
N ALA A 259 4.30 -4.94 -12.95
CA ALA A 259 3.80 -5.47 -14.21
C ALA A 259 4.83 -5.26 -15.31
N TYR A 260 4.83 -6.18 -16.26
CA TYR A 260 5.72 -6.15 -17.42
C TYR A 260 4.91 -6.20 -18.70
N SER A 261 5.42 -5.54 -19.73
CA SER A 261 4.88 -5.62 -21.08
C SER A 261 5.76 -6.56 -21.91
N CYS A 262 5.33 -6.81 -23.15
CA CYS A 262 6.11 -7.64 -24.07
C CYS A 262 7.47 -7.01 -24.36
N ASP A 263 7.57 -5.68 -24.32
CA ASP A 263 8.84 -5.01 -24.54
C ASP A 263 9.86 -5.29 -23.45
N GLU A 264 9.43 -5.85 -22.31
CA GLU A 264 10.29 -6.01 -21.14
C GLU A 264 10.61 -7.47 -20.86
N ILE A 265 10.42 -8.34 -21.86
CA ILE A 265 10.84 -9.73 -21.81
C ILE A 265 12.06 -9.89 -22.69
N ILE A 266 13.13 -10.42 -22.12
CA ILE A 266 14.38 -10.65 -22.86
C ILE A 266 14.41 -12.13 -23.23
N TRP A 267 14.08 -12.43 -24.48
CA TRP A 267 14.10 -13.80 -24.97
C TRP A 267 15.53 -14.28 -25.09
N GLY A 268 15.85 -15.39 -24.43
CA GLY A 268 17.21 -15.87 -24.33
C GLY A 268 18.01 -15.27 -23.19
N GLY A 269 17.42 -14.37 -22.42
CA GLY A 269 18.16 -13.72 -21.36
C GLY A 269 18.40 -14.64 -20.18
N HIS A 270 19.52 -14.40 -19.49
CA HIS A 270 19.87 -15.11 -18.27
C HIS A 270 20.23 -14.06 -17.22
N PHE A 271 19.53 -14.09 -16.08
CA PHE A 271 19.88 -13.18 -15.01
C PHE A 271 21.30 -13.47 -14.51
N VAL A 272 22.02 -12.41 -14.20
CA VAL A 272 23.34 -12.54 -13.61
C VAL A 272 23.19 -12.88 -12.13
N ASP A 273 24.00 -13.83 -11.66
CA ASP A 273 23.94 -14.22 -10.26
C ASP A 273 24.19 -13.02 -9.35
N VAL A 274 23.33 -12.87 -8.34
CA VAL A 274 23.56 -11.89 -7.29
C VAL A 274 24.21 -12.51 -6.05
N PHE A 275 24.17 -13.83 -5.91
CA PHE A 275 24.89 -14.51 -4.83
C PHE A 275 26.26 -14.91 -5.32
N THR A 276 27.26 -14.71 -4.46
CA THR A 276 28.64 -15.03 -4.80
C THR A 276 29.41 -15.34 -3.51
N THR A 277 30.60 -15.89 -3.69
CA THR A 277 31.52 -16.16 -2.60
C THR A 277 32.71 -15.22 -2.72
N LEU A 278 32.89 -14.35 -1.73
CA LEU A 278 33.96 -13.38 -1.77
C LEU A 278 35.31 -14.10 -1.72
N PRO A 279 36.39 -13.41 -2.10
CA PRO A 279 37.71 -14.07 -2.11
C PRO A 279 38.08 -14.71 -0.78
N ASP A 280 37.74 -14.07 0.34
CA ASP A 280 38.06 -14.63 1.65
C ASP A 280 37.08 -15.73 2.09
N GLY A 281 36.18 -16.16 1.21
CA GLY A 281 35.41 -17.37 1.41
C GLY A 281 33.95 -17.15 1.80
N ARG A 282 33.60 -15.99 2.33
CA ARG A 282 32.25 -15.80 2.85
C ARG A 282 31.27 -15.48 1.74
N ARG A 283 30.07 -16.04 1.85
CA ARG A 283 29.04 -15.84 0.83
C ARG A 283 28.46 -14.43 0.93
N ALA A 284 28.14 -13.86 -0.22
CA ALA A 284 27.71 -12.47 -0.28
C ALA A 284 26.56 -12.32 -1.27
N LEU A 285 25.79 -11.26 -1.05
CA LEU A 285 24.73 -10.84 -1.97
C LEU A 285 25.11 -9.51 -2.58
N ASP A 286 25.11 -9.44 -3.91
CA ASP A 286 25.49 -8.23 -4.64
C ASP A 286 24.28 -7.78 -5.46
N LEU A 287 23.47 -6.91 -4.87
CA LEU A 287 22.31 -6.37 -5.58
C LEU A 287 22.68 -5.36 -6.65
N GLY A 288 23.96 -5.02 -6.80
CA GLY A 288 24.38 -4.26 -7.95
C GLY A 288 24.12 -4.97 -9.27
N LYS A 289 24.03 -6.29 -9.23
CA LYS A 289 23.77 -7.10 -10.41
C LYS A 289 22.30 -7.46 -10.58
N PHE A 290 21.43 -6.92 -9.72
CA PHE A 290 20.06 -7.42 -9.65
C PHE A 290 19.33 -7.28 -10.98
N HIS A 291 19.50 -6.15 -11.65
CA HIS A 291 18.85 -5.91 -12.94
C HIS A 291 19.69 -6.31 -14.13
N GLU A 292 20.83 -6.95 -13.91
CA GLU A 292 21.73 -7.32 -15.00
C GLU A 292 21.27 -8.63 -15.64
N ILE A 293 21.23 -8.64 -16.96
CA ILE A 293 20.81 -9.80 -17.74
C ILE A 293 21.84 -10.04 -18.84
N ALA A 294 22.23 -11.29 -19.02
CA ALA A 294 23.19 -11.67 -20.04
C ALA A 294 22.46 -12.21 -21.27
N GLN A 295 22.97 -11.86 -22.45
CA GLN A 295 22.45 -12.34 -23.71
C GLN A 295 23.59 -12.75 -24.62
N HIS A 296 23.35 -13.80 -25.40
CA HIS A 296 24.23 -14.20 -26.48
C HIS A 296 23.97 -13.31 -27.69
N HIS A 297 25.01 -12.65 -28.19
CA HIS A 297 24.90 -11.79 -29.36
C HIS A 297 25.43 -12.53 -30.58
N HIS A 298 24.56 -12.71 -31.58
CA HIS A 298 24.93 -13.43 -32.79
C HIS A 298 25.24 -12.47 -33.93
CAA TMO B . -5.65 -1.79 11.52
NAC TMO B . -4.93 -2.98 11.13
CAD TMO B . -3.74 -3.14 11.94
CAB TMO B . -5.79 -4.12 11.37
OAE TMO B . -4.59 -2.90 9.77
HAA TMO B . -5.09 -1.01 11.40
HAAA TMO B . -5.92 -1.86 12.45
HAAB TMO B . -6.45 -1.70 10.97
HAD TMO B . -3.16 -2.37 11.82
HADA TMO B . -3.98 -3.21 12.87
HADB TMO B . -3.27 -3.94 11.66
HAB TMO B . -6.02 -4.16 12.32
HABA TMO B . -5.33 -4.94 11.11
HABB TMO B . -6.61 -4.04 10.84
CAA TMO C . -0.87 -14.63 4.22
NAC TMO C . 0.36 -15.24 3.74
CAD TMO C . 1.44 -14.90 4.66
CAB TMO C . 0.20 -16.68 3.70
OAE TMO C . 0.66 -14.77 2.45
HAA TMO C . -1.08 -14.96 5.10
HAAA TMO C . -0.76 -13.67 4.24
HAAB TMO C . -1.59 -14.86 3.61
HAD TMO C . 2.26 -15.31 4.35
HADA TMO C . 1.54 -13.94 4.69
HADB TMO C . 1.23 -15.23 5.54
HAB TMO C . 0.00 -17.01 4.59
HABA TMO C . 1.02 -17.09 3.40
HABB TMO C . -0.52 -16.92 3.10
CAA TMO D . -2.68 -21.76 -9.37
NAC TMO D . -1.28 -21.75 -8.99
CAD TMO D . -1.12 -21.04 -7.74
CAB TMO D . -0.81 -23.12 -8.83
OAE TMO D . -0.53 -21.11 -9.99
HAA TMO D . -3.20 -22.20 -8.67
HAAA TMO D . -2.79 -22.24 -10.20
HAAB TMO D . -2.99 -20.84 -9.48
HAD TMO D . -0.17 -21.04 -7.49
HADA TMO D . -1.42 -20.13 -7.85
HADB TMO D . -1.63 -21.47 -7.04
HAB TMO D . -1.33 -23.56 -8.15
HABA TMO D . 0.12 -23.11 -8.59
HABB TMO D . -0.92 -23.59 -9.67
K K E . -4.71 28.97 40.04
K K F . -4.71 25.14 37.20
K K G . -4.71 22.46 35.21
K K H . -4.71 20.12 33.48
K K I . -4.71 7.01 23.74
K K J . -4.70 -4.17 15.44
K K K . -4.70 -6.52 13.70
K K L . -7.82 13.82 27.43
K K M . -6.05 15.76 26.79
BA BA N . -4.71 17.44 31.49
CL CL O . 13.43 -23.11 -7.77
C20 PCW P . -13.45 4.24 34.59
C21 PCW P . -14.38 5.45 34.56
C22 PCW P . -14.99 5.67 33.17
C23 PCW P . -14.50 6.96 32.55
C24 PCW P . -14.77 7.02 31.05
C25 PCW P . -14.08 8.20 30.38
C26 PCW P . -13.42 7.84 29.05
C27 PCW P . -13.95 8.68 27.89
C28 PCW P . -13.04 8.61 26.66
H20 PCW P . -12.68 4.41 34.04
H211 PCW P . -13.88 6.24 34.81
H212 PCW P . -15.10 5.31 35.19
H221 PCW P . -15.96 5.70 33.26
H222 PCW P . -14.75 4.93 32.60
H231 PCW P . -14.93 7.72 32.97
H232 PCW P . -13.53 7.04 32.68
H241 PCW P . -15.73 7.10 30.91
H242 PCW P . -14.46 6.20 30.64
H251 PCW P . -13.40 8.54 30.98
H252 PCW P . -14.73 8.90 30.22
H261 PCW P . -13.58 6.90 28.85
H262 PCW P . -12.46 7.99 29.12
H271 PCW P . -14.02 9.60 28.17
H272 PCW P . -14.84 8.36 27.65
H281 PCW P . -13.51 8.96 25.89
H282 PCW P . -12.80 7.68 26.49
H283 PCW P . -12.25 9.14 26.82
C4 PCW Q . 18.63 -20.47 -9.34
C5 PCW Q . 17.16 -20.04 -9.35
C6 PCW Q . 17.01 -21.23 -7.31
C7 PCW Q . 16.24 -22.21 -9.33
C8 PCW Q . 15.05 -20.40 -8.36
N PCW Q . 16.37 -20.97 -8.58
O1P PCW Q . 17.25 -19.62 -12.29
O2P PCW Q . 19.64 -20.26 -13.05
O3P PCW Q . 19.37 -18.45 -11.39
O4P PCW Q . 18.96 -20.89 -10.64
P PCW Q . 18.83 -19.78 -11.86
O01 Z3P R . 14.86 -15.97 0.12
C02 Z3P R . 16.04 -16.24 -0.22
O03 Z3P R . 16.97 -15.43 0.03
C04 Z3P R . 16.35 -17.53 -0.96
C05 Z3P R . 17.78 -17.55 -1.50
P06 Z3P R . 18.16 -19.12 -2.40
O07 Z3P R . 17.85 -20.34 -1.62
C08 Z3P R . 19.96 -18.98 -2.85
C09 Z3P R . 20.84 -18.74 -1.63
C10 Z3P R . 22.33 -18.66 -1.97
O11 Z3P R . 22.72 -18.79 -3.16
O12 Z3P R . 23.16 -18.49 -1.05
C13 Z3P R . 17.22 -19.04 -4.00
C14 Z3P R . 17.55 -17.76 -4.79
C15 Z3P R . 16.71 -17.59 -6.06
O16 Z3P R . 15.61 -18.18 -6.17
O17 Z3P R . 17.13 -16.84 -6.98
H041 Z3P R . 15.74 -17.62 -1.71
H042 Z3P R . 16.22 -18.29 -0.37
H051 Z3P R . 18.38 -17.46 -0.75
H052 Z3P R . 17.89 -16.79 -2.10
H081 Z3P R . 20.08 -18.25 -3.47
H082 Z3P R . 20.25 -19.81 -3.28
H091 Z3P R . 20.70 -19.46 -1.00
H092 Z3P R . 20.58 -17.91 -1.21
H131 Z3P R . 16.28 -19.06 -3.82
H132 Z3P R . 17.47 -19.81 -4.55
H141 Z3P R . 17.40 -17.00 -4.21
H142 Z3P R . 18.49 -17.78 -5.04
#